data_5IP4
#
_entry.id   5IP4
#
_cell.length_a   89.840
_cell.length_b   86.191
_cell.length_c   73.267
_cell.angle_alpha   90.00
_cell.angle_beta   123.00
_cell.angle_gamma   90.00
#
_symmetry.space_group_name_H-M   'C 1 2 1'
#
loop_
_entity.id
_entity.type
_entity.pdbx_description
1 polymer 'XA4551 NANOBODY AGAINST C-DCX'
2 polymer 'Neuronal migration protein doublecortin'
3 water water
#
loop_
_entity_poly.entity_id
_entity_poly.type
_entity_poly.pdbx_seq_one_letter_code
_entity_poly.pdbx_strand_id
1 'polypeptide(L)'
;QVQLQESGGGLVQAGGSLRLSCTASVNIIGGNHWAWYRQAPGQQRDLVASLSRYNANYADSVKGRFTISRDNAKNAAYLQ
MNSLKPEDTAIYFCALENYYWGQGTQVTVSSHHHHHHEPEA
;
A,B
2 'polypeptide(L)'
;ARENKDFVRPKLVTIIRSGVKPRKAVRVLLNKKTAHSFEQVLTDITEAIKLETGVVKKLYTLDGKQVTCLHDFFGDDDVF
IACGPEKFRYA
;
D,E
#
# COMPACT_ATOMS: atom_id res chain seq x y z
N VAL A 2 6.19 3.52 -28.59
CA VAL A 2 5.11 2.89 -27.74
C VAL A 2 3.81 3.70 -27.82
N GLN A 3 2.72 3.01 -28.16
CA GLN A 3 1.40 3.63 -28.20
C GLN A 3 0.51 2.97 -27.19
N LEU A 4 -0.40 3.76 -26.68
CA LEU A 4 -1.45 3.21 -25.83
C LEU A 4 -2.78 3.41 -26.53
N GLN A 5 -3.57 2.36 -26.48
CA GLN A 5 -4.93 2.45 -26.98
C GLN A 5 -5.99 2.28 -25.88
N GLU A 6 -6.82 3.28 -25.70
CA GLU A 6 -7.90 3.23 -24.67
C GLU A 6 -9.24 2.83 -25.27
N SER A 7 -10.15 2.19 -24.52
CA SER A 7 -11.48 1.99 -25.04
C SER A 7 -12.39 1.93 -23.84
N GLY A 8 -13.71 2.01 -24.09
CA GLY A 8 -14.72 1.72 -23.10
C GLY A 8 -15.36 3.01 -22.59
N GLY A 9 -15.10 4.14 -23.18
CA GLY A 9 -15.74 5.38 -22.60
C GLY A 9 -17.26 5.54 -22.82
N GLY A 10 -17.73 6.77 -22.93
CA GLY A 10 -19.14 6.97 -23.32
C GLY A 10 -20.09 7.42 -22.22
N LEU A 11 -21.39 7.36 -22.52
CA LEU A 11 -22.41 7.95 -21.67
C LEU A 11 -22.96 6.87 -20.72
N VAL A 12 -23.20 7.28 -19.47
CA VAL A 12 -23.86 6.43 -18.49
C VAL A 12 -24.77 7.29 -17.69
N GLN A 13 -25.80 6.66 -17.13
CA GLN A 13 -26.58 7.32 -16.12
C GLN A 13 -25.81 7.34 -14.80
N ALA A 14 -26.08 8.36 -13.95
CA ALA A 14 -25.58 8.47 -12.61
C ALA A 14 -25.89 7.20 -11.85
N GLY A 15 -24.90 6.70 -11.10
CA GLY A 15 -25.11 5.42 -10.40
C GLY A 15 -24.68 4.23 -11.23
N GLY A 16 -24.35 4.44 -12.50
CA GLY A 16 -24.03 3.26 -13.30
C GLY A 16 -22.54 2.99 -13.24
N SER A 17 -22.09 2.06 -14.10
CA SER A 17 -20.72 1.57 -14.14
C SER A 17 -20.20 1.60 -15.56
N LEU A 18 -18.89 1.81 -15.73
CA LEU A 18 -18.25 1.64 -16.99
C LEU A 18 -16.90 0.98 -16.68
N ARG A 19 -16.27 0.33 -17.66
CA ARG A 19 -14.90 -0.15 -17.45
C ARG A 19 -14.07 0.44 -18.57
N LEU A 20 -12.95 1.10 -18.23
CA LEU A 20 -12.04 1.63 -19.26
C LEU A 20 -10.94 0.61 -19.43
N SER A 21 -10.40 0.52 -20.62
CA SER A 21 -9.29 -0.37 -20.89
C SER A 21 -8.20 0.46 -21.53
N CYS A 22 -6.96 0.00 -21.46
CA CYS A 22 -5.87 0.68 -22.15
C CYS A 22 -4.92 -0.47 -22.51
N THR A 23 -4.49 -0.53 -23.76
CA THR A 23 -3.66 -1.60 -24.18
C THR A 23 -2.40 -1.03 -24.73
N ALA A 24 -1.26 -1.55 -24.32
CA ALA A 24 -0.01 -0.98 -24.76
C ALA A 24 0.51 -1.76 -25.96
N SER A 25 1.28 -1.11 -26.84
CA SER A 25 1.82 -1.76 -28.03
C SER A 25 3.20 -2.38 -27.70
N VAL A 26 3.52 -2.66 -26.43
CA VAL A 26 4.76 -3.36 -26.02
C VAL A 26 4.30 -4.48 -25.12
N ASN A 27 5.20 -5.39 -24.79
CA ASN A 27 4.88 -6.42 -23.80
C ASN A 27 5.11 -5.92 -22.39
N ILE A 28 4.05 -5.84 -21.62
CA ILE A 28 4.08 -5.27 -20.35
C ILE A 28 4.54 -6.35 -19.35
N ILE A 29 5.27 -5.90 -18.36
CA ILE A 29 5.75 -6.77 -17.29
C ILE A 29 5.30 -6.23 -15.93
N GLY A 30 5.51 -7.03 -14.90
CA GLY A 30 5.17 -6.69 -13.55
C GLY A 30 5.63 -5.36 -13.02
N GLY A 31 6.84 -4.91 -13.41
CA GLY A 31 7.37 -3.68 -12.92
C GLY A 31 6.75 -2.44 -13.57
N ASN A 32 5.94 -2.60 -14.63
CA ASN A 32 5.51 -1.41 -15.34
C ASN A 32 4.47 -0.69 -14.54
N HIS A 33 4.57 0.63 -14.50
CA HIS A 33 3.59 1.50 -13.80
C HIS A 33 2.47 1.98 -14.71
N TRP A 34 1.22 1.83 -14.28
CA TRP A 34 0.04 2.33 -14.99
C TRP A 34 -0.65 3.40 -14.18
N ALA A 35 -1.29 4.32 -14.89
CA ALA A 35 -2.08 5.30 -14.16
C ALA A 35 -3.21 5.79 -15.08
N TRP A 36 -4.30 6.27 -14.47
CA TRP A 36 -5.40 6.95 -15.21
C TRP A 36 -5.45 8.36 -14.59
N TYR A 37 -5.63 9.35 -15.44
CA TYR A 37 -5.79 10.75 -15.11
C TYR A 37 -7.12 11.16 -15.76
N ARG A 38 -7.70 12.27 -15.31
CA ARG A 38 -8.92 12.76 -15.97
C ARG A 38 -8.80 14.24 -16.11
N GLN A 39 -9.53 14.76 -17.10
CA GLN A 39 -9.41 16.21 -17.41
C GLN A 39 -10.75 16.83 -17.81
N ALA A 40 -11.07 17.94 -17.15
CA ALA A 40 -12.21 18.82 -17.52
C ALA A 40 -11.76 19.81 -18.59
N PRO A 41 -12.68 20.21 -19.52
CA PRO A 41 -12.38 21.20 -20.56
C PRO A 41 -11.46 22.35 -20.09
N GLY A 42 -10.35 22.54 -20.79
CA GLY A 42 -9.38 23.61 -20.46
C GLY A 42 -8.60 23.52 -19.13
N GLN A 43 -8.83 22.47 -18.33
CA GLN A 43 -8.13 22.27 -17.04
C GLN A 43 -6.99 21.29 -17.21
N GLN A 44 -6.04 21.29 -16.29
CA GLN A 44 -5.00 20.24 -16.19
C GLN A 44 -5.61 18.90 -15.85
N ARG A 45 -4.94 17.80 -16.24
CA ARG A 45 -5.38 16.42 -15.92
C ARG A 45 -5.10 16.23 -14.45
N ASP A 46 -5.96 15.46 -13.78
CA ASP A 46 -5.77 15.15 -12.38
C ASP A 46 -5.53 13.66 -12.31
N LEU A 47 -4.70 13.26 -11.39
CA LEU A 47 -4.46 11.79 -11.12
C LEU A 47 -5.73 11.13 -10.60
N VAL A 48 -6.15 10.03 -11.19
CA VAL A 48 -7.31 9.31 -10.65
C VAL A 48 -6.89 8.08 -9.88
N ALA A 49 -5.99 7.33 -10.48
CA ALA A 49 -5.56 6.05 -9.90
C ALA A 49 -4.21 5.69 -10.46
N SER A 50 -3.39 4.99 -9.66
CA SER A 50 -2.12 4.58 -10.21
C SER A 50 -1.85 3.19 -9.70
N LEU A 51 -1.01 2.48 -10.42
CA LEU A 51 -0.85 1.07 -10.05
C LEU A 51 0.60 0.78 -10.36
N SER A 52 1.37 0.61 -9.30
CA SER A 52 2.74 0.14 -9.46
C SER A 52 2.75 -1.39 -9.08
N ARG A 53 3.92 -2.03 -9.01
CA ARG A 53 3.94 -3.47 -8.76
C ARG A 53 3.25 -3.76 -7.43
N TYR A 54 3.41 -2.88 -6.47
CA TYR A 54 2.92 -3.22 -5.14
C TYR A 54 1.82 -2.31 -4.62
N ASN A 55 1.50 -1.22 -5.30
CA ASN A 55 0.42 -0.41 -4.71
C ASN A 55 -0.55 0.08 -5.75
N ALA A 56 -1.82 0.05 -5.42
CA ALA A 56 -2.88 0.78 -6.20
C ALA A 56 -3.27 1.98 -5.34
N ASN A 57 -3.25 3.16 -5.92
CA ASN A 57 -3.58 4.34 -5.16
C ASN A 57 -4.60 5.14 -5.91
N TYR A 58 -5.45 5.82 -5.17
CA TYR A 58 -6.67 6.43 -5.73
C TYR A 58 -6.87 7.83 -5.20
N ALA A 59 -7.46 8.70 -6.04
CA ALA A 59 -7.83 9.99 -5.57
C ALA A 59 -8.96 9.78 -4.52
N ASP A 60 -9.09 10.73 -3.61
CA ASP A 60 -10.04 10.59 -2.48
C ASP A 60 -11.47 10.43 -2.98
N SER A 61 -11.80 11.22 -4.00
CA SER A 61 -13.08 11.18 -4.71
C SER A 61 -13.56 9.84 -5.24
N VAL A 62 -12.59 8.97 -5.57
CA VAL A 62 -12.97 7.75 -6.29
C VAL A 62 -12.66 6.47 -5.57
N LYS A 63 -11.89 6.57 -4.51
CA LYS A 63 -11.43 5.41 -3.79
C LYS A 63 -12.64 4.55 -3.38
N GLY A 64 -12.51 3.23 -3.58
CA GLY A 64 -13.61 2.28 -3.37
C GLY A 64 -14.56 2.11 -4.55
N ARG A 65 -14.93 3.19 -5.23
CA ARG A 65 -15.85 3.12 -6.34
C ARG A 65 -15.09 2.67 -7.58
N PHE A 66 -13.85 3.19 -7.77
CA PHE A 66 -13.06 2.92 -8.97
C PHE A 66 -11.96 1.90 -8.60
N THR A 67 -11.62 0.98 -9.50
CA THR A 67 -10.53 0.03 -9.20
C THR A 67 -9.63 0.01 -10.43
N ILE A 68 -8.35 0.21 -10.21
CA ILE A 68 -7.37 0.09 -11.30
C ILE A 68 -6.82 -1.34 -11.20
N SER A 69 -6.64 -2.00 -12.35
CA SER A 69 -6.18 -3.37 -12.37
C SER A 69 -5.38 -3.59 -13.64
N ARG A 70 -4.72 -4.71 -13.77
CA ARG A 70 -3.87 -4.89 -14.91
C ARG A 70 -4.04 -6.32 -15.41
N ASP A 71 -3.68 -6.57 -16.66
CA ASP A 71 -3.58 -7.98 -17.14
C ASP A 71 -2.35 -7.96 -18.00
N ASN A 72 -1.19 -8.39 -17.48
CA ASN A 72 0.06 -8.22 -18.30
C ASN A 72 0.04 -9.04 -19.55
N ALA A 73 -0.64 -10.20 -19.51
CA ALA A 73 -0.62 -11.08 -20.71
C ALA A 73 -1.36 -10.39 -21.87
N LYS A 74 -2.28 -9.48 -21.53
CA LYS A 74 -2.93 -8.69 -22.54
C LYS A 74 -2.35 -7.31 -22.80
N ASN A 75 -1.21 -7.02 -22.18
CA ASN A 75 -0.55 -5.76 -22.17
C ASN A 75 -1.49 -4.65 -21.83
N ALA A 76 -2.31 -4.87 -20.81
CA ALA A 76 -3.35 -3.96 -20.57
C ALA A 76 -3.53 -3.56 -19.09
N ALA A 77 -4.22 -2.44 -18.91
CA ALA A 77 -4.72 -1.99 -17.62
C ALA A 77 -6.16 -1.56 -17.75
N TYR A 78 -6.85 -1.52 -16.61
CA TYR A 78 -8.28 -1.25 -16.64
C TYR A 78 -8.63 -0.35 -15.51
N LEU A 79 -9.67 0.44 -15.75
CA LEU A 79 -10.28 1.22 -14.68
C LEU A 79 -11.73 0.84 -14.57
N GLN A 80 -12.09 0.09 -13.52
CA GLN A 80 -13.49 -0.31 -13.30
C GLN A 80 -14.11 0.87 -12.53
N MET A 81 -15.14 1.51 -13.09
CA MET A 81 -15.73 2.68 -12.48
C MET A 81 -17.16 2.38 -12.07
N ASN A 82 -17.38 2.19 -10.78
CA ASN A 82 -18.72 1.83 -10.28
C ASN A 82 -19.35 3.02 -9.63
N SER A 83 -20.69 3.02 -9.53
CA SER A 83 -21.42 4.03 -8.78
C SER A 83 -21.05 5.44 -9.24
N LEU A 84 -21.09 5.63 -10.58
CA LEU A 84 -20.61 6.85 -11.21
C LEU A 84 -21.44 8.03 -10.82
N LYS A 85 -20.79 9.19 -10.74
CA LYS A 85 -21.44 10.40 -10.32
C LYS A 85 -21.22 11.41 -11.42
N PRO A 86 -22.06 12.47 -11.44
CA PRO A 86 -21.91 13.50 -12.47
C PRO A 86 -20.55 14.16 -12.42
N GLU A 87 -20.02 14.33 -11.22
CA GLU A 87 -18.64 14.88 -11.14
C GLU A 87 -17.55 14.00 -11.78
N ASP A 88 -17.89 12.75 -12.14
CA ASP A 88 -16.94 11.83 -12.81
C ASP A 88 -16.81 12.11 -14.31
N THR A 89 -17.67 13.00 -14.84
CA THR A 89 -17.59 13.41 -16.22
C THR A 89 -16.28 14.05 -16.50
N ALA A 90 -15.56 13.51 -17.49
CA ALA A 90 -14.22 14.01 -17.88
C ALA A 90 -13.73 13.19 -19.06
N ILE A 91 -12.64 13.65 -19.69
CA ILE A 91 -11.90 12.83 -20.55
C ILE A 91 -10.84 12.10 -19.69
N TYR A 92 -10.82 10.78 -19.78
CA TYR A 92 -9.88 9.98 -19.01
C TYR A 92 -8.69 9.56 -19.90
N PHE A 93 -7.49 9.49 -19.33
CA PHE A 93 -6.27 9.21 -20.13
C PHE A 93 -5.48 8.17 -19.35
N CYS A 94 -4.98 7.18 -20.06
CA CYS A 94 -4.22 6.12 -19.49
C CYS A 94 -2.78 6.56 -19.63
N ALA A 95 -1.87 6.22 -18.68
CA ALA A 95 -0.47 6.59 -18.88
C ALA A 95 0.31 5.37 -18.46
N LEU A 96 1.39 5.11 -19.21
CA LEU A 96 2.28 4.05 -18.89
C LEU A 96 3.66 4.62 -18.47
N GLU A 97 4.14 4.18 -17.32
CA GLU A 97 5.39 4.74 -16.71
C GLU A 97 5.35 6.28 -16.64
N ASN A 98 4.16 6.87 -16.59
CA ASN A 98 3.96 8.33 -16.60
C ASN A 98 4.73 8.98 -17.71
N TYR A 99 4.82 8.25 -18.82
CA TYR A 99 5.67 8.73 -19.91
C TYR A 99 4.94 8.58 -21.22
N TYR A 100 4.37 7.42 -21.50
CA TYR A 100 3.46 7.27 -22.64
C TYR A 100 2.05 7.54 -22.28
N TRP A 101 1.33 8.15 -23.21
CA TRP A 101 -0.11 8.50 -22.93
C TRP A 101 -1.06 8.04 -23.98
N GLY A 102 -2.26 7.72 -23.54
CA GLY A 102 -3.40 7.38 -24.43
C GLY A 102 -3.96 8.69 -24.97
N GLN A 103 -4.82 8.58 -25.97
CA GLN A 103 -5.37 9.74 -26.62
C GLN A 103 -6.46 10.39 -25.80
N GLY A 104 -7.06 9.66 -24.89
CA GLY A 104 -8.13 10.34 -24.12
C GLY A 104 -9.48 9.72 -24.45
N THR A 105 -10.33 9.49 -23.44
CA THR A 105 -11.60 8.79 -23.68
C THR A 105 -12.65 9.58 -22.91
N GLN A 106 -13.67 10.15 -23.61
CA GLN A 106 -14.78 10.88 -22.92
C GLN A 106 -15.60 9.92 -22.07
N VAL A 107 -15.88 10.33 -20.85
CA VAL A 107 -16.86 9.61 -20.00
C VAL A 107 -17.89 10.67 -19.60
N THR A 108 -19.19 10.40 -19.82
CA THR A 108 -20.23 11.38 -19.46
C THR A 108 -21.25 10.68 -18.59
N VAL A 109 -21.46 11.25 -17.41
CA VAL A 109 -22.37 10.66 -16.43
C VAL A 109 -23.47 11.72 -16.28
N SER A 110 -24.71 11.39 -16.60
CA SER A 110 -25.80 12.43 -16.62
C SER A 110 -26.57 12.47 -15.33
N VAL B 2 -3.50 -5.09 28.74
CA VAL B 2 -3.46 -3.76 28.02
C VAL B 2 -4.71 -2.95 28.35
N GLN B 3 -4.52 -1.72 28.76
CA GLN B 3 -5.63 -0.82 28.95
C GLN B 3 -5.53 0.36 28.02
N LEU B 4 -6.68 0.95 27.76
CA LEU B 4 -6.76 2.17 26.91
C LEU B 4 -7.51 3.24 27.72
N GLN B 5 -7.00 4.48 27.70
CA GLN B 5 -7.60 5.62 28.44
C GLN B 5 -8.03 6.66 27.42
N GLU B 6 -9.33 6.95 27.32
CA GLU B 6 -9.78 8.02 26.41
C GLU B 6 -9.88 9.34 27.17
N SER B 7 -9.83 10.44 26.43
CA SER B 7 -10.14 11.69 27.02
C SER B 7 -10.53 12.67 25.92
N GLY B 8 -11.01 13.84 26.35
CA GLY B 8 -11.28 14.88 25.43
C GLY B 8 -12.76 15.08 25.07
N GLY B 9 -13.65 14.31 25.65
CA GLY B 9 -15.06 14.40 25.21
C GLY B 9 -15.78 15.53 25.94
N GLY B 10 -17.10 15.45 25.99
CA GLY B 10 -17.91 16.45 26.73
C GLY B 10 -18.94 17.16 25.89
N LEU B 11 -19.41 18.29 26.38
CA LEU B 11 -20.47 19.04 25.74
C LEU B 11 -19.87 20.13 24.84
N VAL B 12 -20.39 20.25 23.63
CA VAL B 12 -19.86 21.20 22.69
C VAL B 12 -21.05 21.69 21.87
N GLN B 13 -20.98 22.94 21.37
CA GLN B 13 -21.98 23.51 20.52
C GLN B 13 -21.84 22.96 19.11
N ALA B 14 -22.99 22.73 18.44
CA ALA B 14 -23.05 22.50 16.98
C ALA B 14 -22.09 23.45 16.27
N GLY B 15 -21.32 22.92 15.32
CA GLY B 15 -20.33 23.70 14.61
C GLY B 15 -18.96 23.75 15.30
N GLY B 16 -18.86 23.38 16.59
CA GLY B 16 -17.56 23.46 17.30
C GLY B 16 -16.75 22.18 17.02
N SER B 17 -15.65 21.99 17.73
CA SER B 17 -14.69 20.89 17.53
C SER B 17 -14.36 20.28 18.86
N LEU B 18 -13.85 19.05 18.81
CA LEU B 18 -13.37 18.26 19.94
C LEU B 18 -12.22 17.40 19.44
N ARG B 19 -11.26 17.08 20.31
CA ARG B 19 -10.19 16.21 19.91
C ARG B 19 -10.17 15.12 20.91
N LEU B 20 -10.58 13.91 20.50
CA LEU B 20 -10.48 12.81 21.48
C LEU B 20 -9.13 12.22 21.39
N SER B 21 -8.67 11.68 22.52
CA SER B 21 -7.37 11.05 22.61
C SER B 21 -7.63 9.66 23.14
N CYS B 22 -6.73 8.73 22.83
CA CYS B 22 -6.82 7.44 23.42
C CYS B 22 -5.39 6.98 23.65
N THR B 23 -5.03 6.58 24.87
CA THR B 23 -3.64 6.29 25.19
C THR B 23 -3.51 4.89 25.69
N ALA B 24 -2.58 4.12 25.14
CA ALA B 24 -2.50 2.72 25.56
C ALA B 24 -1.42 2.54 26.67
N SER B 25 -1.50 1.44 27.40
CA SER B 25 -0.63 1.20 28.51
C SER B 25 0.54 0.35 28.04
N VAL B 26 0.73 0.24 26.72
CA VAL B 26 1.87 -0.51 26.14
C VAL B 26 2.54 0.39 25.17
N ASN B 27 3.66 -0.03 24.63
CA ASN B 27 4.37 0.81 23.68
C ASN B 27 3.84 0.53 22.28
N ILE B 28 3.31 1.56 21.67
CA ILE B 28 2.58 1.36 20.42
C ILE B 28 3.57 1.53 19.28
N ILE B 29 3.46 0.68 18.27
CA ILE B 29 4.37 0.73 17.10
C ILE B 29 3.57 0.92 15.81
N GLY B 30 4.26 1.21 14.70
CA GLY B 30 3.57 1.63 13.51
C GLY B 30 2.58 0.61 12.96
N GLY B 31 2.82 -0.70 13.23
CA GLY B 31 1.95 -1.78 12.70
C GLY B 31 0.62 -1.93 13.44
N ASN B 32 0.46 -1.24 14.59
CA ASN B 32 -0.77 -1.42 15.41
C ASN B 32 -1.96 -0.68 14.76
N HIS B 33 -3.12 -1.31 14.76
CA HIS B 33 -4.38 -0.73 14.23
C HIS B 33 -5.11 -0.04 15.33
N TRP B 34 -5.57 1.16 15.03
CA TRP B 34 -6.48 1.94 15.86
C TRP B 34 -7.84 2.15 15.22
N ALA B 35 -8.88 2.29 16.06
CA ALA B 35 -10.19 2.57 15.49
C ALA B 35 -10.96 3.33 16.54
N TRP B 36 -11.91 4.13 16.10
CA TRP B 36 -12.91 4.75 16.97
C TRP B 36 -14.29 4.28 16.56
N TYR B 37 -15.18 4.09 17.53
CA TYR B 37 -16.49 3.58 17.27
C TYR B 37 -17.33 4.54 18.10
N ARG B 38 -18.64 4.57 17.83
CA ARG B 38 -19.54 5.40 18.65
C ARG B 38 -20.80 4.63 18.82
N GLN B 39 -21.45 4.90 19.94
CA GLN B 39 -22.62 4.16 20.25
C GLN B 39 -23.71 5.14 20.63
N ALA B 40 -24.81 5.04 19.91
CA ALA B 40 -25.99 5.86 20.17
C ALA B 40 -26.85 5.13 21.22
N PRO B 41 -27.74 5.86 21.91
CA PRO B 41 -28.53 5.22 22.99
C PRO B 41 -29.28 3.93 22.56
N GLY B 42 -29.08 2.83 23.30
CA GLY B 42 -29.62 1.51 22.95
C GLY B 42 -29.26 0.99 21.55
N GLN B 43 -28.09 1.41 21.05
CA GLN B 43 -27.50 0.93 19.80
C GLN B 43 -26.27 0.12 20.16
N GLN B 44 -25.83 -0.69 19.21
CA GLN B 44 -24.50 -1.30 19.22
C GLN B 44 -23.54 -0.19 18.84
N ARG B 45 -22.25 -0.45 19.00
CA ARG B 45 -21.22 0.43 18.53
C ARG B 45 -21.01 0.38 17.01
N ASP B 46 -20.85 1.56 16.39
CA ASP B 46 -20.69 1.65 14.94
C ASP B 46 -19.30 2.15 14.66
N LEU B 47 -18.71 1.77 13.53
CA LEU B 47 -17.34 2.12 13.27
C LEU B 47 -17.37 3.55 12.77
N VAL B 48 -16.51 4.41 13.32
CA VAL B 48 -16.40 5.79 12.93
C VAL B 48 -15.19 6.03 12.02
N ALA B 49 -14.02 5.49 12.41
CA ALA B 49 -12.77 5.78 11.72
C ALA B 49 -11.81 4.65 12.07
N SER B 50 -10.87 4.33 11.18
CA SER B 50 -9.87 3.33 11.53
C SER B 50 -8.61 3.75 10.84
N LEU B 51 -7.50 3.29 11.40
CA LEU B 51 -6.19 3.77 11.01
C LEU B 51 -5.28 2.56 11.07
N SER B 52 -4.88 2.07 9.89
CA SER B 52 -3.98 0.91 9.82
C SER B 52 -2.70 1.54 9.44
N ARG B 53 -1.65 0.73 9.21
CA ARG B 53 -0.39 1.32 8.82
C ARG B 53 -0.64 2.06 7.50
N TYR B 54 -1.56 1.54 6.67
CA TYR B 54 -1.68 1.94 5.24
C TYR B 54 -2.81 2.91 4.86
N ASN B 55 -3.87 2.96 5.68
CA ASN B 55 -5.13 3.65 5.33
C ASN B 55 -5.79 4.25 6.57
N ALA B 56 -6.33 5.46 6.43
CA ALA B 56 -7.35 6.00 7.34
C ALA B 56 -8.69 5.83 6.59
N ASN B 57 -9.68 5.23 7.24
CA ASN B 57 -11.00 5.05 6.65
C ASN B 57 -12.05 5.61 7.57
N TYR B 58 -13.14 6.19 7.00
CA TYR B 58 -14.17 6.91 7.79
C TYR B 58 -15.56 6.46 7.40
N ALA B 59 -16.50 6.49 8.34
CA ALA B 59 -17.90 6.30 8.04
C ALA B 59 -18.35 7.43 7.14
N ASP B 60 -19.37 7.16 6.36
CA ASP B 60 -19.85 8.21 5.39
C ASP B 60 -20.24 9.48 6.10
N SER B 61 -20.97 9.39 7.22
CA SER B 61 -21.42 10.62 7.86
C SER B 61 -20.35 11.51 8.47
N VAL B 62 -19.08 11.05 8.57
CA VAL B 62 -18.05 11.89 9.18
C VAL B 62 -16.91 12.25 8.28
N LYS B 63 -16.91 11.68 7.09
CA LYS B 63 -15.82 11.80 6.14
C LYS B 63 -15.68 13.27 5.82
N GLY B 64 -14.47 13.81 5.82
CA GLY B 64 -14.32 15.27 5.57
C GLY B 64 -14.45 16.10 6.86
N ARG B 65 -14.99 15.55 7.94
CA ARG B 65 -15.10 16.34 9.20
C ARG B 65 -14.17 15.80 10.26
N PHE B 66 -14.04 14.47 10.29
CA PHE B 66 -13.24 13.82 11.33
C PHE B 66 -11.89 13.37 10.74
N THR B 67 -10.85 13.37 11.58
CA THR B 67 -9.54 12.85 11.22
C THR B 67 -9.08 11.98 12.36
N ILE B 68 -8.67 10.76 12.01
CA ILE B 68 -8.03 9.85 12.89
C ILE B 68 -6.53 10.01 12.70
N SER B 69 -5.80 10.12 13.79
CA SER B 69 -4.32 10.11 13.68
C SER B 69 -3.69 9.42 14.82
N ARG B 70 -2.38 9.29 14.76
CA ARG B 70 -1.69 8.59 15.82
C ARG B 70 -0.40 9.34 16.22
N ASP B 71 0.13 9.03 17.42
CA ASP B 71 1.48 9.48 17.78
C ASP B 71 2.05 8.30 18.55
N ASN B 72 2.88 7.50 17.89
CA ASN B 72 3.36 6.23 18.50
C ASN B 72 4.24 6.51 19.74
N ALA B 73 4.99 7.62 19.69
CA ALA B 73 5.88 8.06 20.82
C ALA B 73 5.05 8.25 22.06
N LYS B 74 3.80 8.68 21.87
CA LYS B 74 2.89 8.88 23.03
C LYS B 74 1.95 7.69 23.27
N ASN B 75 2.15 6.61 22.55
CA ASN B 75 1.27 5.43 22.61
C ASN B 75 -0.20 5.82 22.48
N ALA B 76 -0.46 6.69 21.56
CA ALA B 76 -1.77 7.29 21.55
C ALA B 76 -2.34 7.35 20.11
N ALA B 77 -3.66 7.46 20.00
CA ALA B 77 -4.32 7.85 18.78
C ALA B 77 -5.33 8.97 19.10
N TYR B 78 -5.79 9.68 18.08
CA TYR B 78 -6.66 10.84 18.26
C TYR B 78 -7.77 10.80 17.20
N LEU B 79 -8.92 11.36 17.55
CA LEU B 79 -10.01 11.55 16.62
C LEU B 79 -10.26 13.07 16.71
N GLN B 80 -9.78 13.81 15.70
CA GLN B 80 -10.13 15.24 15.55
C GLN B 80 -11.53 15.36 14.95
N MET B 81 -12.46 15.99 15.68
CA MET B 81 -13.85 16.03 15.19
C MET B 81 -14.20 17.47 14.95
N ASN B 82 -14.30 17.83 13.69
CA ASN B 82 -14.61 19.22 13.31
C ASN B 82 -16.07 19.34 12.89
N SER B 83 -16.57 20.58 12.89
CA SER B 83 -17.93 20.88 12.41
C SER B 83 -18.95 19.97 13.00
N LEU B 84 -18.95 19.86 14.33
CA LEU B 84 -19.75 18.84 15.04
C LEU B 84 -21.23 19.13 14.80
N LYS B 85 -22.04 18.07 14.70
CA LYS B 85 -23.48 18.17 14.49
C LYS B 85 -24.12 17.42 15.62
N PRO B 86 -25.40 17.74 15.92
CA PRO B 86 -26.11 17.02 16.97
C PRO B 86 -26.14 15.49 16.67
N GLU B 87 -26.14 15.13 15.41
CA GLU B 87 -26.15 13.70 15.04
C GLU B 87 -24.84 12.96 15.48
N ASP B 88 -23.82 13.73 15.83
CA ASP B 88 -22.55 13.18 16.35
C ASP B 88 -22.59 12.85 17.85
N THR B 89 -23.65 13.28 18.54
CA THR B 89 -23.84 12.88 19.90
C THR B 89 -23.85 11.36 20.09
N ALA B 90 -23.01 10.86 21.00
CA ALA B 90 -22.81 9.40 21.20
C ALA B 90 -21.75 9.16 22.24
N ILE B 91 -21.60 7.90 22.67
CA ILE B 91 -20.45 7.50 23.48
C ILE B 91 -19.39 6.98 22.49
N TYR B 92 -18.18 7.55 22.57
CA TYR B 92 -17.13 7.18 21.62
C TYR B 92 -16.13 6.28 22.27
N PHE B 93 -15.69 5.24 21.55
CA PHE B 93 -14.86 4.24 22.17
C PHE B 93 -13.63 4.09 21.28
N CYS B 94 -12.45 3.97 21.87
CA CYS B 94 -11.30 3.65 20.99
C CYS B 94 -11.01 2.16 21.09
N ALA B 95 -10.39 1.60 20.06
CA ALA B 95 -10.05 0.19 20.04
C ALA B 95 -8.69 0.01 19.47
N LEU B 96 -7.92 -0.84 20.09
CA LEU B 96 -6.59 -1.08 19.65
C LEU B 96 -6.55 -2.54 19.18
N GLU B 97 -6.01 -2.71 17.96
CA GLU B 97 -5.95 -4.01 17.24
C GLU B 97 -7.25 -4.76 17.21
N ASN B 98 -8.37 -4.03 17.11
CA ASN B 98 -9.74 -4.58 17.16
C ASN B 98 -9.89 -5.53 18.32
N TYR B 99 -9.21 -5.28 19.43
CA TYR B 99 -9.24 -6.24 20.52
C TYR B 99 -9.32 -5.60 21.85
N TYR B 100 -8.52 -4.58 22.11
CA TYR B 100 -8.58 -3.84 23.38
C TYR B 100 -9.44 -2.59 23.22
N TRP B 101 -10.24 -2.30 24.25
CA TRP B 101 -11.19 -1.16 24.18
C TRP B 101 -11.08 -0.18 25.31
N GLY B 102 -11.31 1.07 24.99
CA GLY B 102 -11.54 2.13 25.99
C GLY B 102 -12.88 1.93 26.64
N GLN B 103 -13.14 2.65 27.71
CA GLN B 103 -14.42 2.55 28.40
C GLN B 103 -15.52 3.44 27.88
N GLY B 104 -15.19 4.36 27.00
CA GLY B 104 -16.24 5.17 26.41
C GLY B 104 -16.07 6.63 26.81
N THR B 105 -16.31 7.55 25.88
CA THR B 105 -16.18 8.98 26.21
C THR B 105 -17.44 9.61 25.68
N GLN B 106 -18.20 10.27 26.57
CA GLN B 106 -19.45 10.89 26.14
C GLN B 106 -19.18 12.17 25.37
N VAL B 107 -19.85 12.27 24.24
CA VAL B 107 -19.80 13.51 23.47
C VAL B 107 -21.26 13.96 23.25
N THR B 108 -21.58 15.21 23.58
CA THR B 108 -22.93 15.72 23.42
C THR B 108 -22.81 16.98 22.64
N VAL B 109 -23.43 17.00 21.48
CA VAL B 109 -23.37 18.25 20.66
C VAL B 109 -24.70 18.95 20.81
N SER B 110 -24.70 20.16 21.37
CA SER B 110 -26.00 20.84 21.49
C SER B 110 -26.33 21.70 20.26
N SER B 111 -27.61 21.69 19.89
CA SER B 111 -28.22 22.37 18.73
C SER B 111 -27.85 23.85 18.61
N LYS C 5 -4.95 -19.06 18.58
CA LYS C 5 -4.56 -18.27 19.80
C LYS C 5 -3.99 -16.87 19.40
N ASP C 6 -2.88 -16.87 18.66
CA ASP C 6 -2.36 -15.69 17.98
C ASP C 6 -3.32 -15.27 16.87
N PHE C 7 -4.23 -16.16 16.48
CA PHE C 7 -5.28 -15.74 15.57
C PHE C 7 -6.49 -15.12 16.31
N VAL C 8 -6.56 -15.33 17.62
CA VAL C 8 -7.61 -14.70 18.44
C VAL C 8 -7.26 -13.28 18.92
N ARG C 9 -6.01 -13.06 19.32
CA ARG C 9 -5.68 -11.85 20.03
C ARG C 9 -4.25 -11.47 19.61
N PRO C 10 -3.93 -10.17 19.59
CA PRO C 10 -2.56 -9.79 19.24
C PRO C 10 -1.63 -10.27 20.37
N LYS C 11 -0.39 -10.58 20.03
CA LYS C 11 0.52 -11.11 21.00
C LYS C 11 1.36 -10.00 21.66
N LEU C 12 1.39 -9.99 22.99
CA LEU C 12 2.17 -8.96 23.71
C LEU C 12 3.57 -9.52 23.91
N VAL C 13 4.59 -8.85 23.35
CA VAL C 13 5.93 -9.35 23.51
C VAL C 13 6.78 -8.29 24.21
N THR C 14 7.77 -8.74 24.97
CA THR C 14 8.61 -7.76 25.67
C THR C 14 9.92 -7.70 24.93
N ILE C 15 10.42 -6.50 24.69
CA ILE C 15 11.66 -6.32 23.97
C ILE C 15 12.60 -5.58 24.94
N ILE C 16 13.80 -6.12 25.16
CA ILE C 16 14.80 -5.48 26.04
C ILE C 16 15.94 -4.93 25.20
N ARG C 17 16.22 -3.64 25.26
CA ARG C 17 17.33 -3.12 24.56
C ARG C 17 18.56 -3.38 25.45
N SER C 18 19.55 -4.04 24.88
CA SER C 18 20.89 -4.23 25.46
C SER C 18 21.86 -3.07 25.25
N GLY C 19 22.92 -3.06 26.05
CA GLY C 19 24.01 -2.10 25.86
C GLY C 19 23.80 -0.83 26.68
N VAL C 20 22.88 0.01 26.21
CA VAL C 20 22.55 1.25 26.92
C VAL C 20 22.45 0.94 28.41
N LYS C 21 23.29 1.60 29.20
CA LYS C 21 23.39 1.36 30.65
C LYS C 21 22.14 1.74 31.46
N PRO C 22 21.36 2.78 31.02
CA PRO C 22 19.95 2.83 31.46
C PRO C 22 19.08 1.86 30.63
N ARG C 23 19.00 0.61 31.06
CA ARG C 23 18.57 -0.50 30.18
C ARG C 23 17.05 -0.70 29.98
N LYS C 24 16.54 -0.07 28.92
CA LYS C 24 15.11 0.03 28.52
C LYS C 24 14.43 -1.29 28.10
N ALA C 25 13.21 -1.59 28.62
CA ALA C 25 12.39 -2.70 28.14
C ALA C 25 11.02 -2.12 27.72
N VAL C 26 10.52 -2.53 26.56
CA VAL C 26 9.21 -2.09 26.04
C VAL C 26 8.32 -3.33 25.86
N ARG C 27 6.99 -3.10 25.84
CA ARG C 27 6.04 -4.17 25.55
C ARG C 27 5.30 -3.71 24.32
N VAL C 28 5.29 -4.54 23.28
CA VAL C 28 4.65 -4.14 21.99
C VAL C 28 3.65 -5.23 21.62
N LEU C 29 2.59 -4.87 20.90
CA LEU C 29 1.61 -5.85 20.46
C LEU C 29 1.91 -6.23 19.01
N LEU C 30 1.98 -7.51 18.73
CA LEU C 30 2.25 -7.92 17.35
C LEU C 30 1.06 -8.72 16.92
N ASN C 31 0.38 -8.28 15.89
CA ASN C 31 -0.82 -8.99 15.44
C ASN C 31 -0.44 -9.97 14.30
N LYS C 32 -0.50 -11.27 14.54
CA LYS C 32 -0.17 -12.27 13.48
C LYS C 32 -0.97 -12.06 12.19
N LYS C 33 -2.21 -11.58 12.25
CA LYS C 33 -3.01 -11.43 11.00
C LYS C 33 -2.55 -10.35 10.08
N THR C 34 -1.71 -9.48 10.59
CA THR C 34 -1.49 -8.24 9.99
C THR C 34 0.01 -7.97 9.80
N ALA C 35 0.84 -8.63 10.58
CA ALA C 35 2.27 -8.35 10.56
C ALA C 35 2.80 -9.27 9.48
N HIS C 36 3.20 -8.72 8.33
CA HIS C 36 3.64 -9.59 7.31
C HIS C 36 5.11 -9.49 7.03
N SER C 37 5.73 -8.35 7.31
CA SER C 37 7.13 -8.12 6.95
C SER C 37 8.04 -8.14 8.20
N PHE C 38 8.91 -9.16 8.33
CA PHE C 38 9.88 -9.17 9.44
C PHE C 38 10.68 -7.85 9.45
N GLU C 39 11.15 -7.42 8.28
CA GLU C 39 11.94 -6.21 8.12
C GLU C 39 11.20 -5.04 8.74
N GLN C 40 9.93 -4.92 8.42
CA GLN C 40 9.09 -3.86 8.96
C GLN C 40 8.85 -3.94 10.48
N VAL C 41 8.62 -5.15 11.00
CA VAL C 41 8.41 -5.33 12.45
C VAL C 41 9.70 -4.92 13.23
N LEU C 42 10.87 -5.28 12.69
CA LEU C 42 12.13 -4.86 13.31
C LEU C 42 12.28 -3.38 13.29
N THR C 43 12.00 -2.77 12.16
CA THR C 43 12.00 -1.35 12.12
C THR C 43 11.05 -0.69 13.14
N ASP C 44 9.84 -1.24 13.24
CA ASP C 44 8.85 -0.72 14.23
C ASP C 44 9.48 -0.85 15.66
N ILE C 45 10.06 -2.01 15.97
CA ILE C 45 10.56 -2.35 17.34
C ILE C 45 11.73 -1.40 17.63
N THR C 46 12.59 -1.28 16.63
CA THR C 46 13.71 -0.34 16.67
C THR C 46 13.32 1.11 17.01
N GLU C 47 12.33 1.65 16.32
CA GLU C 47 11.81 2.96 16.71
C GLU C 47 11.32 3.01 18.18
N ALA C 48 10.58 2.00 18.62
CA ALA C 48 10.01 2.05 19.98
C ALA C 48 11.10 2.00 21.05
N ILE C 49 12.18 1.24 20.80
CA ILE C 49 13.27 1.19 21.77
C ILE C 49 14.33 2.31 21.55
N LYS C 50 14.04 3.26 20.66
CA LYS C 50 14.85 4.47 20.43
C LYS C 50 16.25 4.18 19.86
N LEU C 51 16.35 3.18 18.98
CA LEU C 51 17.63 2.91 18.30
C LEU C 51 17.52 3.41 16.87
N GLU C 52 18.68 3.64 16.26
CA GLU C 52 18.79 4.24 14.91
C GLU C 52 18.28 3.22 13.91
N THR C 53 17.43 3.63 12.96
CA THR C 53 16.81 2.63 12.07
C THR C 53 17.85 1.84 11.27
N GLY C 54 17.74 0.52 11.38
CA GLY C 54 18.56 -0.42 10.64
C GLY C 54 19.85 -0.85 11.33
N VAL C 55 20.08 -0.39 12.58
CA VAL C 55 21.34 -0.79 13.24
C VAL C 55 21.17 -2.20 13.83
N VAL C 56 19.92 -2.59 14.09
CA VAL C 56 19.58 -3.91 14.64
C VAL C 56 18.73 -4.54 13.58
N LYS C 57 19.22 -5.61 12.97
CA LYS C 57 18.45 -6.35 11.94
C LYS C 57 18.04 -7.78 12.41
N LYS C 58 18.29 -8.05 13.68
CA LYS C 58 17.77 -9.27 14.35
C LYS C 58 17.73 -9.07 15.87
N LEU C 59 16.92 -9.88 16.53
CA LEU C 59 16.85 -9.88 17.96
C LEU C 59 17.34 -11.25 18.39
N TYR C 60 17.35 -11.46 19.71
CA TYR C 60 17.67 -12.76 20.30
C TYR C 60 16.62 -13.11 21.31
N THR C 61 16.37 -14.38 21.46
CA THR C 61 15.62 -14.88 22.60
C THR C 61 16.49 -14.88 23.83
N LEU C 62 15.90 -15.05 25.00
CA LEU C 62 16.72 -15.12 26.22
C LEU C 62 17.72 -16.27 26.16
N ASP C 63 17.39 -17.31 25.40
CA ASP C 63 18.33 -18.43 25.24
C ASP C 63 19.44 -18.17 24.22
N GLY C 64 19.47 -16.98 23.65
CA GLY C 64 20.43 -16.62 22.63
C GLY C 64 20.11 -17.14 21.21
N LYS C 65 18.92 -17.70 20.95
CA LYS C 65 18.57 -18.06 19.58
C LYS C 65 18.36 -16.74 18.79
N GLN C 66 18.98 -16.63 17.64
CA GLN C 66 18.79 -15.44 16.82
C GLN C 66 17.35 -15.45 16.25
N VAL C 67 16.75 -14.26 16.20
CA VAL C 67 15.37 -14.17 15.74
C VAL C 67 15.50 -13.53 14.38
N THR C 68 15.08 -14.28 13.36
CA THR C 68 15.29 -13.84 12.00
C THR C 68 14.04 -13.82 11.13
N CYS C 69 12.89 -14.27 11.62
CA CYS C 69 11.68 -14.21 10.77
C CYS C 69 10.48 -14.12 11.68
N LEU C 70 9.34 -13.72 11.14
CA LEU C 70 8.16 -13.57 11.99
C LEU C 70 7.76 -14.79 12.75
N HIS C 71 8.00 -15.96 12.16
CA HIS C 71 7.74 -17.24 12.82
C HIS C 71 8.36 -17.24 14.22
N ASP C 72 9.53 -16.64 14.34
CA ASP C 72 10.24 -16.63 15.62
C ASP C 72 9.57 -15.81 16.73
N PHE C 73 8.71 -14.87 16.32
CA PHE C 73 7.97 -14.06 17.31
C PHE C 73 6.76 -14.75 17.79
N PHE C 74 6.23 -15.69 16.98
CA PHE C 74 4.91 -16.23 17.27
C PHE C 74 5.00 -17.67 17.67
N GLY C 75 6.05 -17.96 18.45
CA GLY C 75 6.33 -19.28 18.96
C GLY C 75 6.26 -19.29 20.47
N ASP C 76 7.09 -20.13 21.09
CA ASP C 76 7.21 -20.17 22.54
C ASP C 76 7.84 -18.94 23.20
N ASP C 77 8.56 -18.09 22.47
CA ASP C 77 9.23 -16.99 23.17
C ASP C 77 8.39 -15.72 23.12
N ASP C 78 8.31 -15.03 24.26
CA ASP C 78 7.54 -13.79 24.47
C ASP C 78 8.51 -12.66 24.86
N VAL C 79 9.78 -12.96 25.01
CA VAL C 79 10.81 -11.95 25.45
C VAL C 79 11.99 -12.00 24.55
N PHE C 80 12.46 -10.84 24.11
CA PHE C 80 13.56 -10.78 23.16
C PHE C 80 14.53 -9.69 23.57
N ILE C 81 15.79 -9.83 23.15
CA ILE C 81 16.80 -8.87 23.40
C ILE C 81 17.18 -8.20 22.08
N ALA C 82 17.25 -6.89 22.08
CA ALA C 82 17.76 -6.17 20.89
C ALA C 82 19.15 -5.67 21.22
N CYS C 83 20.12 -6.04 20.39
CA CYS C 83 21.50 -5.65 20.65
C CYS C 83 21.86 -4.40 19.85
N GLY C 84 22.06 -3.31 20.59
CA GLY C 84 22.67 -2.10 20.05
C GLY C 84 24.17 -2.26 20.01
N LYS D 5 19.64 9.93 -19.67
CA LYS D 5 18.41 9.62 -20.47
C LYS D 5 17.55 8.49 -19.86
N ASP D 6 18.23 7.54 -19.21
CA ASP D 6 17.56 6.46 -18.45
C ASP D 6 16.87 7.05 -17.22
N PHE D 7 17.27 8.25 -16.82
CA PHE D 7 16.53 8.90 -15.74
C PHE D 7 15.34 9.72 -16.25
N VAL D 8 15.30 9.95 -17.54
CA VAL D 8 14.26 10.79 -18.10
C VAL D 8 13.12 9.95 -18.71
N ARG D 9 13.45 8.76 -19.24
CA ARG D 9 12.48 7.95 -19.94
C ARG D 9 12.78 6.45 -19.70
N PRO D 10 11.71 5.65 -19.64
CA PRO D 10 11.89 4.22 -19.48
C PRO D 10 12.62 3.64 -20.71
N LYS D 11 13.47 2.63 -20.50
CA LYS D 11 14.24 2.09 -21.62
C LYS D 11 13.45 0.98 -22.29
N LEU D 12 13.25 1.13 -23.61
CA LEU D 12 12.70 -0.03 -24.40
C LEU D 12 13.79 -1.08 -24.76
N VAL D 13 13.63 -2.34 -24.37
CA VAL D 13 14.69 -3.31 -24.69
C VAL D 13 14.01 -4.43 -25.45
N THR D 14 14.75 -5.10 -26.31
CA THR D 14 14.21 -6.21 -27.11
C THR D 14 14.83 -7.49 -26.62
N ILE D 15 14.01 -8.46 -26.26
CA ILE D 15 14.47 -9.72 -25.72
C ILE D 15 14.04 -10.82 -26.77
N ILE D 16 14.97 -11.70 -27.15
CA ILE D 16 14.63 -12.77 -28.11
C ILE D 16 14.90 -14.04 -27.35
N ARG D 17 13.90 -14.88 -27.21
CA ARG D 17 14.08 -16.15 -26.57
C ARG D 17 14.78 -17.16 -27.51
N SER D 18 15.78 -17.86 -26.98
CA SER D 18 16.57 -18.84 -27.75
C SER D 18 15.80 -20.14 -27.88
N GLY D 19 16.10 -20.93 -28.91
CA GLY D 19 15.49 -22.26 -29.03
C GLY D 19 14.24 -22.31 -29.87
N VAL D 20 13.08 -22.19 -29.24
CA VAL D 20 11.78 -22.16 -29.94
C VAL D 20 11.83 -21.86 -31.46
N LYS D 21 11.38 -22.82 -32.26
CA LYS D 21 11.51 -22.81 -33.74
C LYS D 21 11.12 -21.55 -34.51
N PRO D 22 9.98 -20.90 -34.15
CA PRO D 22 9.89 -19.47 -34.51
C PRO D 22 10.31 -18.62 -33.30
N ARG D 23 11.30 -17.76 -33.49
CA ARG D 23 11.89 -17.06 -32.35
C ARG D 23 11.17 -15.80 -31.85
N LYS D 24 10.43 -16.06 -30.76
CA LYS D 24 9.77 -15.10 -29.88
C LYS D 24 10.59 -13.84 -29.44
N ALA D 25 10.53 -12.78 -30.28
CA ALA D 25 11.16 -11.47 -30.04
C ALA D 25 10.18 -10.44 -29.46
N VAL D 26 10.50 -9.90 -28.28
CA VAL D 26 9.56 -9.21 -27.38
C VAL D 26 10.18 -7.85 -26.97
N ARG D 27 9.37 -6.83 -26.65
CA ARG D 27 9.88 -5.54 -26.28
C ARG D 27 9.30 -5.19 -24.95
N VAL D 28 10.16 -4.79 -24.01
CA VAL D 28 9.66 -4.58 -22.69
C VAL D 28 10.25 -3.26 -22.28
N LEU D 29 9.56 -2.56 -21.37
CA LEU D 29 10.04 -1.28 -20.96
C LEU D 29 10.60 -1.44 -19.63
N LEU D 30 11.81 -0.97 -19.42
CA LEU D 30 12.44 -1.11 -18.10
C LEU D 30 12.70 0.30 -17.58
N ASN D 31 12.30 0.54 -16.36
CA ASN D 31 12.52 1.89 -15.76
C ASN D 31 13.62 1.86 -14.70
N LYS D 32 14.69 2.56 -15.02
CA LYS D 32 15.88 2.61 -14.20
C LYS D 32 15.59 3.10 -12.75
N LYS D 33 14.62 4.00 -12.63
CA LYS D 33 14.13 4.48 -11.30
C LYS D 33 13.37 3.49 -10.43
N THR D 34 12.78 2.48 -11.04
CA THR D 34 11.96 1.57 -10.34
C THR D 34 12.49 0.15 -10.34
N ALA D 35 13.48 -0.18 -11.16
CA ALA D 35 13.98 -1.57 -11.24
C ALA D 35 15.06 -1.75 -10.23
N HIS D 36 14.73 -2.32 -9.07
CA HIS D 36 15.73 -2.46 -8.02
C HIS D 36 16.44 -3.79 -8.09
N SER D 37 15.72 -4.84 -8.48
CA SER D 37 16.20 -6.26 -8.27
C SER D 37 16.43 -6.91 -9.63
N PHE D 38 17.66 -7.32 -9.88
CA PHE D 38 17.91 -8.07 -11.07
C PHE D 38 17.14 -9.40 -11.12
N GLU D 39 17.11 -10.13 -10.02
CA GLU D 39 16.33 -11.33 -10.03
C GLU D 39 14.87 -11.06 -10.43
N GLN D 40 14.25 -10.00 -9.88
CA GLN D 40 12.87 -9.68 -10.23
C GLN D 40 12.73 -9.32 -11.70
N VAL D 41 13.73 -8.65 -12.27
CA VAL D 41 13.68 -8.35 -13.69
C VAL D 41 13.71 -9.66 -14.51
N LEU D 42 14.53 -10.62 -14.07
CA LEU D 42 14.51 -11.94 -14.72
C LEU D 42 13.15 -12.61 -14.62
N THR D 43 12.54 -12.54 -13.44
CA THR D 43 11.23 -13.15 -13.25
C THR D 43 10.19 -12.48 -14.16
N ASP D 44 10.28 -11.15 -14.28
CA ASP D 44 9.36 -10.40 -15.11
C ASP D 44 9.48 -10.82 -16.60
N ILE D 45 10.72 -10.90 -17.06
CA ILE D 45 11.03 -11.19 -18.44
C ILE D 45 10.54 -12.62 -18.76
N THR D 46 10.71 -13.54 -17.80
CA THR D 46 10.29 -14.91 -17.99
C THR D 46 8.80 -14.94 -18.31
N GLU D 47 8.03 -14.23 -17.50
CA GLU D 47 6.58 -14.02 -17.82
C GLU D 47 6.31 -13.48 -19.20
N ALA D 48 7.00 -12.42 -19.54
CA ALA D 48 6.76 -11.78 -20.82
C ALA D 48 7.15 -12.63 -22.07
N ILE D 49 8.16 -13.49 -21.97
CA ILE D 49 8.58 -14.25 -23.14
C ILE D 49 7.89 -15.63 -23.13
N LYS D 50 7.06 -15.83 -22.12
CA LYS D 50 6.23 -17.00 -21.86
C LYS D 50 7.11 -18.22 -21.68
N LEU D 51 8.13 -18.05 -20.86
CA LEU D 51 9.08 -19.11 -20.61
C LEU D 51 8.49 -20.10 -19.62
N GLU D 52 8.05 -21.24 -20.17
CA GLU D 52 7.35 -22.28 -19.42
C GLU D 52 8.31 -23.15 -18.59
N THR D 53 9.59 -23.09 -18.94
CA THR D 53 10.54 -24.05 -18.37
C THR D 53 11.15 -23.61 -17.04
N GLY D 54 10.72 -22.47 -16.50
CA GLY D 54 11.33 -21.96 -15.25
C GLY D 54 11.98 -20.60 -15.49
N VAL D 55 12.50 -19.98 -14.47
CA VAL D 55 12.87 -18.57 -14.63
C VAL D 55 14.12 -18.53 -15.51
N VAL D 56 14.23 -17.52 -16.36
CA VAL D 56 15.48 -17.34 -17.16
C VAL D 56 16.62 -17.09 -16.17
N LYS D 57 17.79 -17.66 -16.44
CA LYS D 57 19.01 -17.32 -15.69
C LYS D 57 20.04 -16.65 -16.59
N LYS D 58 20.10 -17.09 -17.85
CA LYS D 58 21.15 -16.56 -18.74
C LYS D 58 20.61 -15.65 -19.83
N LEU D 59 21.16 -14.47 -19.91
CA LEU D 59 20.85 -13.58 -20.97
C LEU D 59 22.15 -13.01 -21.50
N TYR D 60 22.15 -12.64 -22.78
CA TYR D 60 23.35 -12.24 -23.47
C TYR D 60 23.05 -11.12 -24.40
N THR D 61 24.03 -10.24 -24.64
CA THR D 61 23.95 -9.28 -25.77
C THR D 61 24.12 -10.03 -27.10
N LEU D 62 23.91 -9.39 -28.25
CA LEU D 62 24.07 -10.09 -29.50
C LEU D 62 25.55 -10.36 -29.81
N ASP D 63 26.41 -9.63 -29.12
CA ASP D 63 27.86 -9.81 -29.20
C ASP D 63 28.22 -11.05 -28.36
N GLY D 64 27.30 -11.55 -27.53
CA GLY D 64 27.55 -12.75 -26.68
C GLY D 64 28.01 -12.42 -25.28
N LYS D 65 27.91 -11.18 -24.86
CA LYS D 65 28.29 -10.86 -23.53
C LYS D 65 27.18 -11.13 -22.55
N GLN D 66 27.52 -11.83 -21.51
CA GLN D 66 26.53 -12.26 -20.55
C GLN D 66 26.08 -11.05 -19.71
N VAL D 67 24.78 -11.00 -19.42
CA VAL D 67 24.19 -9.89 -18.67
C VAL D 67 24.11 -10.40 -17.25
N THR D 68 24.75 -9.74 -16.30
CA THR D 68 24.69 -10.31 -14.94
C THR D 68 24.08 -9.32 -13.93
N CYS D 69 23.77 -8.14 -14.37
CA CYS D 69 23.26 -7.17 -13.41
C CYS D 69 22.45 -6.12 -14.15
N LEU D 70 21.74 -5.32 -13.38
CA LEU D 70 20.85 -4.34 -13.97
C LEU D 70 21.57 -3.30 -14.76
N HIS D 71 22.82 -2.96 -14.42
CA HIS D 71 23.43 -1.95 -15.28
C HIS D 71 23.73 -2.45 -16.66
N ASP D 72 23.76 -3.77 -16.82
CA ASP D 72 23.93 -4.37 -18.17
C ASP D 72 22.74 -4.13 -19.09
N PHE D 73 21.55 -3.87 -18.53
CA PHE D 73 20.41 -3.53 -19.36
C PHE D 73 20.44 -2.08 -19.71
N PHE D 74 21.09 -1.26 -18.88
CA PHE D 74 21.05 0.19 -19.13
C PHE D 74 22.38 0.74 -19.63
N GLY D 75 23.07 0.01 -20.50
CA GLY D 75 24.29 0.54 -21.15
C GLY D 75 24.07 0.72 -22.63
N ASP D 76 25.10 0.43 -23.41
CA ASP D 76 25.05 0.49 -24.87
C ASP D 76 24.09 -0.46 -25.57
N ASP D 77 23.64 -1.54 -24.92
CA ASP D 77 22.90 -2.64 -25.59
C ASP D 77 21.43 -2.52 -25.28
N ASP D 78 20.59 -2.78 -26.29
CA ASP D 78 19.14 -2.59 -26.26
C ASP D 78 18.51 -3.93 -26.69
N VAL D 79 19.31 -4.87 -27.18
CA VAL D 79 18.80 -6.20 -27.61
C VAL D 79 19.48 -7.36 -26.92
N PHE D 80 18.70 -8.32 -26.46
CA PHE D 80 19.25 -9.44 -25.65
C PHE D 80 18.61 -10.74 -26.06
N ILE D 81 19.37 -11.81 -25.87
CA ILE D 81 18.98 -13.16 -26.15
C ILE D 81 18.76 -13.77 -24.79
N ALA D 82 17.59 -14.38 -24.54
CA ALA D 82 17.28 -15.05 -23.30
C ALA D 82 17.36 -16.55 -23.55
N CYS D 83 18.10 -17.23 -22.66
CA CYS D 83 18.32 -18.70 -22.71
C CYS D 83 17.65 -19.29 -21.51
N GLY D 84 16.48 -19.88 -21.76
CA GLY D 84 15.78 -20.65 -20.76
C GLY D 84 16.60 -21.78 -20.17
N PRO D 85 16.16 -22.25 -19.01
CA PRO D 85 16.93 -23.24 -18.26
C PRO D 85 16.99 -24.56 -19.03
N GLU D 86 16.05 -24.79 -19.94
CA GLU D 86 16.07 -26.06 -20.67
C GLU D 86 17.36 -26.09 -21.51
N LYS D 87 17.88 -24.94 -21.93
CA LYS D 87 19.09 -24.92 -22.78
C LYS D 87 20.28 -25.46 -21.99
N PHE D 88 20.15 -25.49 -20.68
CA PHE D 88 21.20 -26.04 -19.84
C PHE D 88 20.58 -27.19 -19.02
#